data_5KZ8
#
_entry.id   5KZ8
#
_cell.length_a   120.416
_cell.length_b   120.416
_cell.length_c   99.457
_cell.angle_alpha   90.000
_cell.angle_beta   90.000
_cell.angle_gamma   120.000
#
_symmetry.space_group_name_H-M   'P 61'
#
loop_
_entity.id
_entity.type
_entity.pdbx_description
1 polymer 'Serine/threonine-protein kinase MARK2'
2 non-polymer 5,5-dimethyl-7-[(1~{S})-4-oxidanyl-1~{H}-inden-1-yl]-2-phenylazanyl-pyrrolo[2,3-d]pyrimidin-6-one
#
_entity_poly.entity_id   1
_entity_poly.type   'polypeptide(L)'
_entity_poly.pdbx_seq_one_letter_code
;MAHNHRHKHADYKDDDDKKLNSATSADEQPHIGNYRLLKTIGKGNFAKVKLARHILTGKEVAVKIIDKTQLNSSSLQKLF
REVRIMKVLNHPNIVKLFEVIETEKTLYLVMEYASGGEVFDYLVAHGRMKEKEARAKFRQIVSAVQYCHQKFIVHRDLKA
ENLLLDADMNIKIADFGFSNEFTFGNKLDTFCGSPPYAAPELFQGKKYDGPEVDVWSLGVILYTLVSGSLPFDGQNLKEL
RERVLRGKYRIPFYMSTDCENLLKKFLILNPSKRGTLEQIMKDRWMNVGHEDDELKPYVEPLPDYKDPRRTELMVSMGYT
REEIQDSLVGQRYNEVMATYLLLGYK
;
_entity_poly.pdbx_strand_id   A,B
#
loop_
_chem_comp.id
_chem_comp.type
_chem_comp.name
_chem_comp.formula
6Z5 non-polymer 5,5-dimethyl-7-[(1~{S})-4-oxidanyl-1~{H}-inden-1-yl]-2-phenylazanyl-pyrrolo[2,3-d]pyrimidin-6-one 'C23 H20 N4 O2'
#
# COMPACT_ATOMS: atom_id res chain seq x y z
N PRO A 30 17.84 -3.87 -26.85
CA PRO A 30 18.71 -2.69 -26.71
C PRO A 30 18.51 -1.62 -27.77
N HIS A 31 17.61 -1.84 -28.75
CA HIS A 31 17.31 -0.86 -29.81
C HIS A 31 15.83 -0.89 -30.19
N ILE A 32 15.16 0.28 -30.16
CA ILE A 32 13.73 0.43 -30.46
C ILE A 32 13.53 1.28 -31.69
N GLY A 33 13.78 2.57 -31.55
CA GLY A 33 13.68 3.53 -32.63
C GLY A 33 15.04 4.16 -32.66
N ASN A 34 15.08 5.50 -32.60
CA ASN A 34 16.35 6.22 -32.54
C ASN A 34 16.79 6.15 -31.06
N TYR A 35 16.73 4.95 -30.43
CA TYR A 35 17.05 4.78 -29.02
C TYR A 35 17.86 3.56 -28.67
N ARG A 36 18.73 3.68 -27.64
CA ARG A 36 19.57 2.63 -27.08
C ARG A 36 19.18 2.47 -25.63
N LEU A 37 18.59 1.33 -25.30
CA LEU A 37 18.18 1.06 -23.93
C LEU A 37 19.40 0.70 -23.11
N LEU A 38 19.65 1.46 -22.03
CA LEU A 38 20.78 1.32 -21.10
C LEU A 38 20.35 0.50 -19.85
N LYS A 39 20.09 1.15 -18.70
CA LYS A 39 19.65 0.44 -17.50
C LYS A 39 18.13 0.12 -17.58
N THR A 40 17.51 -0.06 -16.41
CA THR A 40 16.10 -0.33 -16.19
C THR A 40 15.83 0.38 -14.87
N ILE A 41 15.17 1.55 -14.91
CA ILE A 41 14.87 2.31 -13.69
C ILE A 41 13.71 1.65 -12.89
N GLY A 42 13.04 0.66 -13.48
CA GLY A 42 11.98 -0.09 -12.83
C GLY A 42 11.16 -0.95 -13.77
N LYS A 43 10.53 -2.01 -13.22
CA LYS A 43 9.64 -2.96 -13.92
C LYS A 43 8.23 -2.78 -13.29
N GLY A 44 7.37 -3.81 -13.29
CA GLY A 44 6.05 -3.72 -12.66
C GLY A 44 4.88 -4.42 -13.32
N ASN A 45 3.72 -3.70 -13.32
CA ASN A 45 2.38 -4.04 -13.85
C ASN A 45 2.33 -4.26 -15.41
N PHE A 46 3.29 -5.08 -15.93
CA PHE A 46 3.54 -5.48 -17.32
C PHE A 46 4.13 -4.31 -18.17
N ALA A 47 4.65 -3.31 -17.46
CA ALA A 47 5.29 -2.10 -17.97
C ALA A 47 6.71 -2.07 -17.42
N LYS A 48 7.69 -1.79 -18.28
CA LYS A 48 9.09 -1.72 -17.90
C LYS A 48 9.59 -0.34 -18.28
N VAL A 49 10.08 0.43 -17.31
CA VAL A 49 10.61 1.76 -17.59
C VAL A 49 12.13 1.63 -17.72
N LYS A 50 12.65 1.72 -18.96
CA LYS A 50 14.08 1.59 -19.25
C LYS A 50 14.74 2.91 -19.57
N LEU A 51 15.88 3.21 -18.90
CA LEU A 51 16.66 4.43 -19.14
C LEU A 51 17.30 4.24 -20.51
N ALA A 52 17.14 5.22 -21.43
CA ALA A 52 17.67 5.14 -22.79
C ALA A 52 18.40 6.40 -23.23
N ARG A 53 19.00 6.35 -24.42
CA ARG A 53 19.72 7.46 -25.02
C ARG A 53 19.24 7.67 -26.43
N HIS A 54 18.81 8.91 -26.75
CA HIS A 54 18.36 9.25 -28.10
C HIS A 54 19.62 9.14 -28.94
N ILE A 55 19.57 8.31 -29.96
CA ILE A 55 20.70 8.03 -30.81
C ILE A 55 21.15 9.31 -31.56
N LEU A 56 20.30 9.91 -32.43
CA LEU A 56 20.65 11.09 -33.22
C LEU A 56 21.04 12.34 -32.44
N THR A 57 20.61 12.48 -31.16
CA THR A 57 20.93 13.68 -30.38
C THR A 57 21.79 13.40 -29.13
N GLY A 58 21.98 12.13 -28.78
CA GLY A 58 22.77 11.73 -27.61
C GLY A 58 22.06 11.98 -26.28
N LYS A 59 20.95 12.75 -26.34
CA LYS A 59 20.11 13.14 -25.21
C LYS A 59 19.47 11.98 -24.47
N GLU A 60 19.55 11.98 -23.13
CA GLU A 60 19.00 10.91 -22.30
C GLU A 60 17.50 11.03 -22.10
N VAL A 61 16.79 9.91 -22.24
CA VAL A 61 15.35 9.77 -22.09
C VAL A 61 15.05 8.57 -21.17
N ALA A 62 13.79 8.42 -20.75
CA ALA A 62 13.29 7.32 -19.92
C ALA A 62 12.12 6.74 -20.70
N VAL A 63 12.29 5.51 -21.25
CA VAL A 63 11.26 4.85 -22.07
C VAL A 63 10.36 3.90 -21.28
N LYS A 64 9.03 4.16 -21.26
CA LYS A 64 8.03 3.32 -20.61
C LYS A 64 7.58 2.30 -21.68
N ILE A 65 7.70 0.97 -21.37
CA ILE A 65 7.33 -0.12 -22.32
C ILE A 65 6.17 -0.99 -21.78
N ILE A 66 4.95 -0.61 -22.19
CA ILE A 66 3.70 -1.28 -21.80
C ILE A 66 3.36 -2.38 -22.78
N ASP A 67 3.09 -3.59 -22.27
CA ASP A 67 2.69 -4.72 -23.10
C ASP A 67 1.19 -4.74 -23.00
N LYS A 68 0.54 -4.14 -24.00
CA LYS A 68 -0.90 -3.98 -24.12
C LYS A 68 -1.70 -5.29 -24.11
N THR A 69 -1.09 -6.41 -24.54
CA THR A 69 -1.74 -7.74 -24.56
C THR A 69 -2.20 -8.16 -23.18
N GLN A 70 -1.39 -7.86 -22.15
CA GLN A 70 -1.66 -8.19 -20.76
C GLN A 70 -2.82 -7.35 -20.20
N LEU A 71 -2.69 -6.01 -20.24
CA LEU A 71 -3.65 -5.03 -19.71
C LEU A 71 -5.10 -5.38 -19.86
N ASN A 72 -5.81 -5.33 -18.74
CA ASN A 72 -7.24 -5.60 -18.65
C ASN A 72 -8.00 -4.44 -19.27
N SER A 73 -9.15 -4.75 -19.87
CA SER A 73 -10.10 -3.86 -20.53
C SER A 73 -10.12 -2.40 -20.00
N SER A 74 -10.13 -2.22 -18.66
CA SER A 74 -10.16 -0.92 -17.98
C SER A 74 -8.81 -0.20 -17.92
N SER A 75 -7.70 -0.94 -17.66
CA SER A 75 -6.33 -0.41 -17.58
C SER A 75 -5.88 0.24 -18.90
N LEU A 76 -6.47 -0.18 -20.03
CA LEU A 76 -6.17 0.35 -21.35
C LEU A 76 -6.75 1.73 -21.58
N GLN A 77 -8.04 1.94 -21.22
CA GLN A 77 -8.72 3.24 -21.34
C GLN A 77 -7.95 4.26 -20.50
N LYS A 78 -7.50 3.83 -19.31
CA LYS A 78 -6.73 4.61 -18.34
C LYS A 78 -5.30 4.91 -18.88
N LEU A 79 -4.77 4.03 -19.74
CA LEU A 79 -3.47 4.19 -20.37
C LEU A 79 -3.60 5.23 -21.50
N PHE A 80 -4.68 5.13 -22.30
CA PHE A 80 -4.98 6.01 -23.41
C PHE A 80 -5.32 7.41 -22.89
N ARG A 81 -5.99 7.50 -21.74
CA ARG A 81 -6.33 8.78 -21.11
C ARG A 81 -5.00 9.47 -20.71
N GLU A 82 -4.00 8.70 -20.21
CA GLU A 82 -2.68 9.23 -19.83
C GLU A 82 -1.95 9.78 -21.05
N VAL A 83 -1.91 8.99 -22.16
CA VAL A 83 -1.26 9.33 -23.43
C VAL A 83 -1.76 10.69 -23.90
N ARG A 84 -3.11 10.85 -23.92
CA ARG A 84 -3.85 12.04 -24.29
C ARG A 84 -3.44 13.27 -23.46
N ILE A 85 -3.27 13.06 -22.14
CA ILE A 85 -2.89 14.07 -21.15
C ILE A 85 -1.43 14.49 -21.31
N MET A 86 -0.50 13.52 -21.39
CA MET A 86 0.94 13.75 -21.54
C MET A 86 1.23 14.66 -22.75
N LYS A 87 0.50 14.41 -23.85
CA LYS A 87 0.59 15.14 -25.12
C LYS A 87 0.24 16.62 -25.00
N VAL A 88 -0.53 17.00 -23.98
CA VAL A 88 -1.03 18.35 -23.77
C VAL A 88 -0.22 19.21 -22.77
N LEU A 89 0.29 18.60 -21.70
CA LEU A 89 1.02 19.34 -20.69
C LEU A 89 2.47 19.66 -21.09
N ASN A 90 2.82 20.95 -21.03
CA ASN A 90 4.16 21.49 -21.30
C ASN A 90 4.51 22.43 -20.12
N HIS A 91 4.99 21.82 -19.03
CA HIS A 91 5.36 22.53 -17.83
C HIS A 91 6.76 22.08 -17.43
N PRO A 92 7.63 22.98 -16.91
CA PRO A 92 8.98 22.57 -16.51
C PRO A 92 9.05 21.72 -15.25
N ASN A 93 7.88 21.42 -14.63
CA ASN A 93 7.79 20.63 -13.43
C ASN A 93 6.87 19.41 -13.57
N ILE A 94 6.63 18.99 -14.81
CA ILE A 94 5.85 17.80 -15.17
C ILE A 94 6.73 17.04 -16.19
N VAL A 95 6.83 15.68 -16.07
CA VAL A 95 7.63 14.90 -17.03
C VAL A 95 7.11 15.14 -18.43
N LYS A 96 7.98 15.64 -19.32
CA LYS A 96 7.63 15.92 -20.71
C LYS A 96 7.57 14.63 -21.49
N LEU A 97 6.65 14.55 -22.45
CA LEU A 97 6.52 13.38 -23.33
C LEU A 97 7.23 13.82 -24.63
N PHE A 98 8.10 12.95 -25.21
CA PHE A 98 8.83 13.24 -26.46
C PHE A 98 8.32 12.43 -27.63
N GLU A 99 8.06 11.12 -27.40
CA GLU A 99 7.59 10.23 -28.46
C GLU A 99 6.64 9.17 -27.95
N VAL A 100 5.79 8.70 -28.88
CA VAL A 100 4.83 7.62 -28.72
C VAL A 100 5.11 6.70 -29.93
N ILE A 101 5.59 5.47 -29.64
CA ILE A 101 5.91 4.43 -30.61
C ILE A 101 4.85 3.36 -30.39
N GLU A 102 3.96 3.19 -31.38
CA GLU A 102 2.86 2.25 -31.30
C GLU A 102 3.04 1.04 -32.17
N THR A 103 2.76 -0.15 -31.57
CA THR A 103 2.74 -1.49 -32.18
C THR A 103 1.40 -2.14 -31.75
N GLU A 104 0.96 -3.25 -32.35
CA GLU A 104 -0.30 -3.86 -31.94
C GLU A 104 -0.19 -4.37 -30.52
N LYS A 105 0.87 -5.12 -30.23
CA LYS A 105 1.12 -5.75 -28.93
C LYS A 105 1.70 -4.83 -27.86
N THR A 106 2.55 -3.86 -28.23
CA THR A 106 3.15 -3.03 -27.19
C THR A 106 3.16 -1.51 -27.48
N LEU A 107 3.23 -0.71 -26.40
CA LEU A 107 3.27 0.75 -26.47
C LEU A 107 4.55 1.30 -25.83
N TYR A 108 5.25 2.19 -26.55
CA TYR A 108 6.51 2.80 -26.11
C TYR A 108 6.35 4.30 -25.84
N LEU A 109 6.39 4.70 -24.58
CA LEU A 109 6.26 6.11 -24.26
C LEU A 109 7.61 6.65 -23.88
N VAL A 110 8.20 7.48 -24.75
CA VAL A 110 9.51 8.09 -24.53
C VAL A 110 9.31 9.40 -23.83
N MET A 111 9.62 9.42 -22.53
CA MET A 111 9.45 10.58 -21.66
C MET A 111 10.75 11.15 -21.11
N GLU A 112 10.65 12.28 -20.39
CA GLU A 112 11.75 12.99 -19.75
C GLU A 112 12.27 12.19 -18.55
N TYR A 113 13.61 12.05 -18.45
CA TYR A 113 14.24 11.31 -17.36
C TYR A 113 14.54 12.21 -16.14
N ALA A 114 14.05 11.82 -14.95
CA ALA A 114 14.26 12.54 -13.70
C ALA A 114 15.29 11.78 -12.88
N SER A 115 16.57 12.16 -13.00
CA SER A 115 17.71 11.50 -12.33
C SER A 115 17.62 11.36 -10.81
N GLY A 116 17.16 12.40 -10.12
CA GLY A 116 17.08 12.45 -8.66
C GLY A 116 16.21 11.41 -7.98
N GLY A 117 15.41 10.69 -8.76
CA GLY A 117 14.51 9.65 -8.26
C GLY A 117 13.28 10.20 -7.58
N GLU A 118 12.67 9.40 -6.69
CA GLU A 118 11.46 9.72 -5.91
C GLU A 118 11.70 10.75 -4.83
N VAL A 119 10.69 11.62 -4.56
CA VAL A 119 10.79 12.59 -3.47
C VAL A 119 10.61 11.79 -2.17
N PHE A 120 9.76 10.75 -2.20
CA PHE A 120 9.51 9.84 -1.08
C PHE A 120 10.85 9.29 -0.60
N ASP A 121 11.63 8.69 -1.53
CA ASP A 121 12.95 8.15 -1.23
C ASP A 121 13.92 9.23 -0.75
N TYR A 122 13.75 10.51 -1.18
CA TYR A 122 14.62 11.60 -0.70
C TYR A 122 14.27 11.93 0.75
N LEU A 123 12.96 12.01 1.07
CA LEU A 123 12.45 12.33 2.40
C LEU A 123 12.80 11.27 3.43
N VAL A 124 12.96 10.00 2.99
CA VAL A 124 13.35 8.93 3.90
C VAL A 124 14.89 9.02 4.11
N ALA A 125 15.65 9.34 3.05
CA ALA A 125 17.11 9.47 3.05
C ALA A 125 17.68 10.71 3.74
N HIS A 126 16.96 11.82 3.68
CA HIS A 126 17.43 13.08 4.26
C HIS A 126 16.58 13.62 5.39
N GLY A 127 15.47 12.95 5.65
CA GLY A 127 14.52 13.41 6.66
C GLY A 127 13.70 14.55 6.09
N ARG A 128 13.06 15.31 6.95
CA ARG A 128 12.25 16.47 6.55
C ARG A 128 13.11 17.54 5.84
N MET A 129 12.47 18.40 5.06
CA MET A 129 13.15 19.50 4.36
C MET A 129 12.94 20.72 5.23
N LYS A 130 13.87 21.68 5.13
CA LYS A 130 13.71 22.93 5.88
C LYS A 130 12.58 23.67 5.15
N GLU A 131 11.79 24.50 5.85
CA GLU A 131 10.67 25.20 5.20
C GLU A 131 11.06 25.95 3.94
N LYS A 132 12.30 26.49 3.93
CA LYS A 132 12.92 27.24 2.83
C LYS A 132 13.05 26.35 1.59
N GLU A 133 13.55 25.13 1.78
CA GLU A 133 13.79 24.10 0.77
C GLU A 133 12.46 23.50 0.33
N ALA A 134 11.56 23.24 1.29
CA ALA A 134 10.24 22.70 1.01
C ALA A 134 9.45 23.67 0.16
N ARG A 135 9.60 25.00 0.39
CA ARG A 135 8.94 26.09 -0.35
C ARG A 135 9.33 26.09 -1.81
N ALA A 136 10.64 25.86 -2.07
CA ALA A 136 11.26 25.81 -3.40
C ALA A 136 10.59 24.73 -4.27
N LYS A 137 10.41 23.54 -3.67
CA LYS A 137 9.79 22.39 -4.31
C LYS A 137 8.28 22.53 -4.35
N PHE A 138 7.64 23.00 -3.26
CA PHE A 138 6.17 23.15 -3.19
C PHE A 138 5.61 24.17 -4.17
N ARG A 139 6.37 25.26 -4.46
CA ARG A 139 5.95 26.27 -5.43
C ARG A 139 5.84 25.56 -6.81
N GLN A 140 6.84 24.74 -7.15
CA GLN A 140 6.93 23.95 -8.36
C GLN A 140 5.75 22.99 -8.45
N ILE A 141 5.39 22.31 -7.32
CA ILE A 141 4.27 21.38 -7.24
C ILE A 141 2.93 22.11 -7.47
N VAL A 142 2.66 23.15 -6.67
CA VAL A 142 1.44 23.94 -6.74
C VAL A 142 1.23 24.53 -8.14
N SER A 143 2.30 25.07 -8.77
CA SER A 143 2.23 25.63 -10.12
C SER A 143 1.79 24.62 -11.19
N ALA A 144 2.44 23.43 -11.15
CA ALA A 144 2.23 22.29 -12.06
C ALA A 144 0.85 21.66 -11.90
N VAL A 145 0.32 21.58 -10.67
CA VAL A 145 -0.99 20.99 -10.40
C VAL A 145 -2.09 22.00 -10.78
N GLN A 146 -1.85 23.31 -10.56
CA GLN A 146 -2.80 24.37 -10.92
C GLN A 146 -2.92 24.34 -12.44
N TYR A 147 -1.77 24.31 -13.15
CA TYR A 147 -1.66 24.26 -14.61
C TYR A 147 -2.45 23.08 -15.19
N CYS A 148 -2.51 21.95 -14.46
CA CYS A 148 -3.27 20.76 -14.85
C CYS A 148 -4.76 21.13 -14.79
N HIS A 149 -5.20 21.72 -13.65
CA HIS A 149 -6.57 22.16 -13.40
C HIS A 149 -7.03 23.23 -14.39
N GLN A 150 -6.08 24.06 -14.83
CA GLN A 150 -6.24 25.13 -15.79
C GLN A 150 -6.72 24.52 -17.13
N LYS A 151 -6.28 23.30 -17.44
CA LYS A 151 -6.63 22.56 -18.65
C LYS A 151 -7.68 21.49 -18.37
N PHE A 152 -8.34 21.58 -17.19
CA PHE A 152 -9.38 20.67 -16.67
C PHE A 152 -8.91 19.21 -16.56
N ILE A 153 -7.67 19.03 -16.08
CA ILE A 153 -7.03 17.73 -15.85
C ILE A 153 -6.80 17.61 -14.33
N VAL A 154 -7.37 16.56 -13.74
CA VAL A 154 -7.25 16.28 -12.30
C VAL A 154 -6.44 14.98 -12.10
N HIS A 155 -5.34 15.05 -11.30
CA HIS A 155 -4.46 13.92 -11.04
C HIS A 155 -5.19 12.85 -10.21
N ARG A 156 -6.00 13.29 -9.21
CA ARG A 156 -6.77 12.46 -8.26
C ARG A 156 -5.90 11.51 -7.39
N ASP A 157 -4.59 11.35 -7.70
CA ASP A 157 -3.68 10.44 -7.00
C ASP A 157 -2.28 11.04 -6.73
N LEU A 158 -2.22 12.20 -6.05
CA LEU A 158 -0.93 12.82 -5.71
C LEU A 158 -0.35 12.09 -4.52
N LYS A 159 0.89 11.57 -4.67
CA LYS A 159 1.64 10.82 -3.64
C LYS A 159 3.07 11.34 -3.66
N ALA A 160 3.90 11.02 -2.65
CA ALA A 160 5.31 11.45 -2.62
C ALA A 160 6.10 10.61 -3.60
N GLU A 161 5.60 9.40 -3.87
CA GLU A 161 6.18 8.45 -4.81
C GLU A 161 5.95 8.96 -6.23
N ASN A 162 4.83 9.65 -6.42
CA ASN A 162 4.32 10.24 -7.65
C ASN A 162 5.06 11.53 -8.06
N LEU A 163 5.98 12.02 -7.24
CA LEU A 163 6.74 13.23 -7.53
C LEU A 163 8.18 12.82 -7.65
N LEU A 164 8.84 13.30 -8.69
CA LEU A 164 10.26 12.99 -8.95
C LEU A 164 11.13 14.24 -8.88
N LEU A 165 12.45 14.04 -8.82
CA LEU A 165 13.43 15.12 -8.77
C LEU A 165 14.40 15.01 -9.96
N ASP A 166 14.77 16.16 -10.56
CA ASP A 166 15.69 16.18 -11.69
C ASP A 166 17.13 16.32 -11.19
N ALA A 167 18.10 16.49 -12.10
CA ALA A 167 19.52 16.66 -11.77
C ALA A 167 19.78 17.84 -10.81
N ASP A 168 19.01 18.95 -10.95
CA ASP A 168 19.11 20.17 -10.16
C ASP A 168 18.07 20.27 -9.00
N MET A 169 17.51 19.11 -8.52
CA MET A 169 16.52 19.01 -7.44
C MET A 169 15.17 19.71 -7.75
N ASN A 170 14.79 19.75 -9.04
CA ASN A 170 13.55 20.37 -9.46
C ASN A 170 12.47 19.32 -9.61
N ILE A 171 11.28 19.59 -9.08
CA ILE A 171 10.13 18.69 -9.12
C ILE A 171 9.74 18.34 -10.55
N LYS A 172 9.50 17.04 -10.82
CA LYS A 172 9.08 16.52 -12.11
C LYS A 172 7.97 15.54 -11.80
N ILE A 173 6.71 16.01 -11.78
CA ILE A 173 5.53 15.19 -11.45
C ILE A 173 5.42 14.01 -12.44
N ALA A 174 5.19 12.82 -11.90
CA ALA A 174 5.11 11.56 -12.63
C ALA A 174 3.93 11.41 -13.57
N ASP A 175 3.31 10.23 -13.59
CA ASP A 175 2.26 9.91 -14.52
C ASP A 175 0.87 9.77 -13.92
N PHE A 176 -0.11 9.87 -14.84
CA PHE A 176 -1.55 9.88 -14.66
C PHE A 176 -2.25 8.63 -15.26
N GLY A 177 -1.90 7.43 -14.76
CA GLY A 177 -2.50 6.18 -15.25
C GLY A 177 -1.59 4.98 -15.27
N CYS A 192 1.40 -0.07 -1.33
CA CYS A 192 1.27 1.27 -1.90
C CYS A 192 0.73 2.31 -0.89
N GLY A 193 1.27 3.53 -0.97
CA GLY A 193 0.95 4.67 -0.10
C GLY A 193 -0.08 5.63 -0.68
N SER A 194 -1.10 5.10 -1.35
CA SER A 194 -2.20 5.83 -1.94
C SER A 194 -3.24 6.30 -0.89
N PRO A 195 -3.52 5.55 0.22
CA PRO A 195 -4.57 5.98 1.16
C PRO A 195 -4.32 7.18 2.08
N PRO A 196 -3.12 7.57 2.60
CA PRO A 196 -3.06 8.76 3.49
C PRO A 196 -3.28 10.10 2.78
N TYR A 197 -3.19 10.08 1.44
CA TYR A 197 -3.39 11.24 0.58
C TYR A 197 -4.86 11.33 0.15
N ALA A 198 -5.66 10.29 0.47
CA ALA A 198 -7.09 10.22 0.14
C ALA A 198 -7.86 11.37 0.77
N ALA A 199 -8.72 12.02 -0.04
CA ALA A 199 -9.55 13.13 0.42
C ALA A 199 -10.67 12.59 1.34
N PRO A 200 -11.25 13.37 2.29
CA PRO A 200 -12.29 12.80 3.16
C PRO A 200 -13.51 12.29 2.39
N GLU A 201 -13.85 12.95 1.28
CA GLU A 201 -14.96 12.59 0.39
C GLU A 201 -14.88 11.16 -0.16
N LEU A 202 -13.77 10.45 0.06
CA LEU A 202 -13.61 9.07 -0.39
C LEU A 202 -14.33 8.17 0.60
N PHE A 203 -14.23 8.50 1.88
CA PHE A 203 -14.84 7.75 2.96
C PHE A 203 -16.32 8.04 3.19
N GLN A 204 -16.90 9.04 2.51
CA GLN A 204 -18.32 9.38 2.66
C GLN A 204 -19.10 9.21 1.35
N GLY A 205 -18.57 8.40 0.43
CA GLY A 205 -19.16 8.08 -0.87
C GLY A 205 -19.46 9.22 -1.83
N LYS A 206 -19.31 10.49 -1.38
CA LYS A 206 -19.58 11.71 -2.15
C LYS A 206 -18.73 11.83 -3.43
N LYS A 207 -19.41 12.06 -4.58
CA LYS A 207 -18.95 12.25 -5.97
C LYS A 207 -17.49 11.84 -6.31
N TYR A 208 -16.47 12.56 -5.74
CA TYR A 208 -15.01 12.34 -5.92
C TYR A 208 -14.58 12.41 -7.40
N ASP A 209 -14.82 13.55 -8.05
CA ASP A 209 -14.47 13.76 -9.46
C ASP A 209 -13.79 15.12 -9.67
N GLY A 210 -13.94 16.01 -8.69
CA GLY A 210 -13.45 17.40 -8.73
C GLY A 210 -11.97 17.67 -8.57
N PRO A 211 -11.54 18.94 -8.82
CA PRO A 211 -10.13 19.28 -8.65
C PRO A 211 -9.76 19.58 -7.18
N GLU A 212 -10.76 19.90 -6.34
CA GLU A 212 -10.57 20.20 -4.92
C GLU A 212 -10.12 18.97 -4.13
N VAL A 213 -10.01 17.82 -4.82
CA VAL A 213 -9.55 16.53 -4.32
C VAL A 213 -8.02 16.64 -4.23
N ASP A 214 -7.40 17.24 -5.27
CA ASP A 214 -5.97 17.48 -5.44
C ASP A 214 -5.44 18.50 -4.46
N VAL A 215 -6.29 19.46 -4.06
CA VAL A 215 -5.97 20.50 -3.09
C VAL A 215 -5.77 19.83 -1.72
N TRP A 216 -6.69 18.91 -1.32
CA TRP A 216 -6.55 18.18 -0.06
C TRP A 216 -5.19 17.45 -0.09
N SER A 217 -4.98 16.63 -1.15
CA SER A 217 -3.78 15.84 -1.42
C SER A 217 -2.51 16.66 -1.35
N LEU A 218 -2.50 17.88 -1.97
CA LEU A 218 -1.38 18.83 -2.00
C LEU A 218 -1.02 19.28 -0.60
N GLY A 219 -2.04 19.39 0.25
CA GLY A 219 -1.88 19.76 1.64
C GLY A 219 -1.13 18.69 2.37
N VAL A 220 -1.47 17.40 2.08
CA VAL A 220 -0.83 16.22 2.68
C VAL A 220 0.65 16.30 2.30
N ILE A 221 0.94 16.44 0.98
CA ILE A 221 2.28 16.56 0.43
C ILE A 221 3.06 17.69 1.14
N LEU A 222 2.48 18.89 1.32
CA LEU A 222 3.15 20.00 2.01
C LEU A 222 3.58 19.57 3.37
N TYR A 223 2.68 18.92 4.12
CA TYR A 223 2.91 18.43 5.47
C TYR A 223 4.08 17.47 5.48
N THR A 224 4.06 16.49 4.55
CA THR A 224 5.11 15.48 4.38
C THR A 224 6.45 16.12 4.06
N LEU A 225 6.47 17.13 3.19
CA LEU A 225 7.69 17.82 2.79
C LEU A 225 8.41 18.53 3.93
N VAL A 226 7.65 19.19 4.83
CA VAL A 226 8.21 19.95 5.96
C VAL A 226 8.42 19.13 7.24
N SER A 227 7.67 18.01 7.41
CA SER A 227 7.74 17.16 8.62
C SER A 227 8.30 15.76 8.42
N GLY A 228 8.36 15.30 7.17
CA GLY A 228 8.86 13.97 6.81
C GLY A 228 7.97 12.83 7.27
N SER A 229 6.71 13.12 7.64
CA SER A 229 5.77 12.10 8.08
C SER A 229 4.37 12.41 7.56
N LEU A 230 3.42 11.49 7.78
CA LEU A 230 2.05 11.68 7.32
C LEU A 230 1.18 12.36 8.35
N PRO A 231 0.25 13.25 7.93
CA PRO A 231 -0.61 13.94 8.91
C PRO A 231 -1.69 13.05 9.51
N PHE A 232 -2.20 12.11 8.70
CA PHE A 232 -3.24 11.17 9.04
C PHE A 232 -2.69 9.78 8.87
N ASP A 233 -2.53 9.10 10.01
CA ASP A 233 -2.01 7.74 10.13
C ASP A 233 -2.96 6.79 10.79
N GLY A 234 -2.63 5.51 10.69
CA GLY A 234 -3.39 4.42 11.26
C GLY A 234 -2.69 3.11 11.04
N GLN A 235 -3.13 2.07 11.76
CA GLN A 235 -2.61 0.72 11.67
C GLN A 235 -3.54 -0.05 10.73
N ASN A 236 -4.85 0.25 10.84
CA ASN A 236 -6.00 -0.28 10.10
C ASN A 236 -6.59 0.84 9.25
N LEU A 237 -7.34 0.51 8.18
CA LEU A 237 -7.97 1.58 7.37
C LEU A 237 -9.15 2.22 8.11
N LYS A 238 -9.69 1.55 9.15
CA LYS A 238 -10.81 2.05 9.98
C LYS A 238 -10.27 3.24 10.78
N GLU A 239 -8.99 3.14 11.20
CA GLU A 239 -8.23 4.13 11.96
C GLU A 239 -7.86 5.28 11.03
N LEU A 240 -7.35 4.97 9.81
CA LEU A 240 -6.96 5.92 8.78
C LEU A 240 -8.16 6.81 8.44
N ARG A 241 -9.35 6.19 8.24
CA ARG A 241 -10.61 6.86 7.94
C ARG A 241 -11.07 7.79 9.07
N GLU A 242 -11.03 7.30 10.33
CA GLU A 242 -11.43 8.05 11.52
C GLU A 242 -10.60 9.33 11.70
N ARG A 243 -9.32 9.32 11.29
CA ARG A 243 -8.43 10.47 11.39
C ARG A 243 -8.72 11.44 10.27
N VAL A 244 -8.75 10.94 9.02
CA VAL A 244 -9.02 11.72 7.82
C VAL A 244 -10.36 12.45 7.94
N LEU A 245 -11.42 11.76 8.38
CA LEU A 245 -12.74 12.37 8.55
C LEU A 245 -12.82 13.36 9.72
N ARG A 246 -11.96 13.19 10.75
CA ARG A 246 -11.92 14.11 11.90
C ARG A 246 -11.25 15.41 11.45
N GLY A 247 -10.33 15.31 10.48
CA GLY A 247 -9.62 16.43 9.89
C GLY A 247 -8.51 17.03 10.72
N LYS A 248 -8.30 16.48 11.92
CA LYS A 248 -7.26 16.97 12.83
C LYS A 248 -5.95 16.23 12.61
N TYR A 249 -4.84 16.98 12.55
CA TYR A 249 -3.48 16.47 12.33
C TYR A 249 -2.50 16.91 13.42
N ARG A 250 -1.38 16.19 13.55
CA ARG A 250 -0.34 16.50 14.53
C ARG A 250 0.51 17.68 14.02
N ILE A 251 0.73 18.74 14.81
CA ILE A 251 1.56 19.87 14.35
C ILE A 251 2.99 19.79 14.94
N PRO A 252 4.05 19.66 14.10
CA PRO A 252 5.43 19.56 14.64
C PRO A 252 5.92 20.84 15.30
N PHE A 253 6.44 20.68 16.51
CA PHE A 253 6.92 21.78 17.35
C PHE A 253 7.75 22.85 16.62
N TYR A 254 8.38 22.49 15.51
CA TYR A 254 9.25 23.38 14.74
C TYR A 254 8.54 24.11 13.59
N MET A 255 7.34 23.63 13.19
CA MET A 255 6.57 24.23 12.11
C MET A 255 6.17 25.67 12.41
N SER A 256 6.35 26.56 11.42
CA SER A 256 6.01 27.98 11.53
C SER A 256 4.50 28.19 11.48
N THR A 257 4.02 29.28 12.09
CA THR A 257 2.60 29.63 12.11
C THR A 257 2.09 29.83 10.68
N ASP A 258 2.97 30.32 9.78
CA ASP A 258 2.68 30.56 8.37
C ASP A 258 2.44 29.26 7.62
N CYS A 259 3.33 28.28 7.84
CA CYS A 259 3.21 26.98 7.20
C CYS A 259 1.92 26.31 7.62
N GLU A 260 1.68 26.23 8.95
CA GLU A 260 0.48 25.63 9.55
C GLU A 260 -0.80 26.29 9.02
N ASN A 261 -0.71 27.56 8.64
CA ASN A 261 -1.83 28.32 8.09
C ASN A 261 -2.20 27.88 6.71
N LEU A 262 -1.17 27.57 5.92
CA LEU A 262 -1.29 27.12 4.54
C LEU A 262 -1.89 25.73 4.55
N LEU A 263 -1.55 24.92 5.58
CA LEU A 263 -2.12 23.58 5.70
C LEU A 263 -3.61 23.74 5.92
N LYS A 264 -4.00 24.78 6.70
CA LYS A 264 -5.39 25.13 6.97
C LYS A 264 -6.14 25.60 5.67
N LYS A 265 -5.39 26.02 4.62
CA LYS A 265 -5.96 26.44 3.34
C LYS A 265 -6.23 25.23 2.44
N PHE A 266 -5.50 24.12 2.69
CA PHE A 266 -5.60 22.89 1.91
C PHE A 266 -6.50 21.84 2.55
N LEU A 267 -6.15 21.41 3.78
CA LEU A 267 -6.84 20.36 4.51
C LEU A 267 -8.15 20.84 5.19
N ILE A 268 -9.16 21.15 4.36
CA ILE A 268 -10.49 21.60 4.75
C ILE A 268 -11.46 20.41 4.48
N LEU A 269 -12.26 20.03 5.48
CA LEU A 269 -13.19 18.91 5.38
C LEU A 269 -14.25 19.06 4.27
N ASN A 270 -15.05 20.14 4.25
CA ASN A 270 -16.05 20.28 3.20
C ASN A 270 -15.36 20.67 1.88
N PRO A 271 -15.49 19.86 0.80
CA PRO A 271 -14.80 20.16 -0.48
C PRO A 271 -15.07 21.54 -1.08
N SER A 272 -16.29 22.01 -0.89
CA SER A 272 -16.79 23.30 -1.34
C SER A 272 -16.06 24.42 -0.60
N LYS A 273 -15.87 24.23 0.72
CA LYS A 273 -15.18 25.14 1.63
C LYS A 273 -13.65 25.22 1.39
N ARG A 274 -13.11 24.36 0.48
CA ARG A 274 -11.67 24.30 0.12
C ARG A 274 -11.33 25.36 -0.93
N GLY A 275 -10.24 26.10 -0.69
CA GLY A 275 -9.76 27.17 -1.55
C GLY A 275 -9.26 26.73 -2.92
N THR A 276 -9.38 27.60 -3.95
CA THR A 276 -8.91 27.30 -5.31
C THR A 276 -7.39 27.41 -5.30
N LEU A 277 -6.69 26.62 -6.11
CA LEU A 277 -5.23 26.67 -6.16
C LEU A 277 -4.67 28.05 -6.53
N GLU A 278 -5.45 28.87 -7.27
CA GLU A 278 -5.07 30.23 -7.67
C GLU A 278 -5.08 31.17 -6.46
N GLN A 279 -6.00 30.95 -5.50
CA GLN A 279 -6.07 31.80 -4.31
C GLN A 279 -5.08 31.36 -3.23
N ILE A 280 -4.71 30.07 -3.22
CA ILE A 280 -3.72 29.52 -2.27
C ILE A 280 -2.31 29.95 -2.73
N MET A 281 -2.16 30.28 -4.03
CA MET A 281 -0.91 30.73 -4.64
C MET A 281 -0.42 32.03 -4.02
N LYS A 282 -1.37 32.93 -3.67
CA LYS A 282 -1.16 34.25 -3.06
C LYS A 282 -0.74 34.20 -1.56
N ASP A 283 -0.78 32.99 -0.92
CA ASP A 283 -0.45 32.78 0.49
C ASP A 283 0.91 33.35 0.88
N ARG A 284 1.02 33.89 2.11
CA ARG A 284 2.27 34.47 2.60
C ARG A 284 3.41 33.43 2.68
N TRP A 285 3.15 32.20 3.20
CA TRP A 285 4.20 31.18 3.29
C TRP A 285 4.75 30.88 1.91
N MET A 286 3.89 30.75 0.90
CA MET A 286 4.27 30.44 -0.48
C MET A 286 5.29 31.42 -1.07
N ASN A 287 5.15 32.74 -0.73
CA ASN A 287 5.97 33.81 -1.28
C ASN A 287 7.08 34.39 -0.38
N VAL A 288 7.51 33.66 0.67
CA VAL A 288 8.61 34.14 1.54
C VAL A 288 9.90 34.03 0.73
N GLY A 289 10.49 35.19 0.45
CA GLY A 289 11.71 35.30 -0.35
C GLY A 289 11.38 35.70 -1.77
N HIS A 290 10.14 35.39 -2.20
CA HIS A 290 9.60 35.67 -3.52
C HIS A 290 8.63 36.86 -3.39
N GLU A 291 9.09 37.88 -2.61
CA GLU A 291 8.41 39.13 -2.35
C GLU A 291 8.42 39.96 -3.66
N ASP A 292 9.26 39.52 -4.62
CA ASP A 292 9.42 40.10 -5.94
C ASP A 292 8.46 39.39 -6.90
N ASP A 293 8.60 38.05 -7.02
CA ASP A 293 7.78 37.23 -7.92
C ASP A 293 6.71 36.43 -7.16
N GLU A 294 5.46 36.94 -7.17
CA GLU A 294 4.34 36.25 -6.51
C GLU A 294 3.97 35.04 -7.36
N LEU A 295 3.50 33.95 -6.72
CA LEU A 295 3.10 32.78 -7.49
C LEU A 295 1.85 33.08 -8.29
N LYS A 296 2.02 33.00 -9.60
CA LYS A 296 0.95 33.27 -10.53
C LYS A 296 0.68 32.01 -11.36
N PRO A 297 -0.58 31.76 -11.82
CA PRO A 297 -0.85 30.57 -12.65
C PRO A 297 0.15 30.45 -13.80
N TYR A 298 0.59 29.22 -14.09
CA TYR A 298 1.56 29.03 -15.17
C TYR A 298 1.02 29.53 -16.50
N VAL A 299 1.76 30.43 -17.14
CA VAL A 299 1.38 30.96 -18.43
C VAL A 299 2.23 30.17 -19.43
N GLU A 300 1.58 29.23 -20.14
CA GLU A 300 2.18 28.34 -21.13
C GLU A 300 2.99 29.11 -22.18
N PRO A 301 4.17 28.61 -22.62
CA PRO A 301 4.93 29.36 -23.64
C PRO A 301 4.34 29.12 -25.02
N LEU A 302 4.52 30.12 -25.90
CA LEU A 302 4.01 30.05 -27.25
C LEU A 302 4.80 29.07 -28.09
N PRO A 303 4.16 28.43 -29.10
CA PRO A 303 4.88 27.45 -29.90
C PRO A 303 5.91 27.99 -30.86
N ASP A 304 7.08 27.32 -30.90
CA ASP A 304 8.20 27.65 -31.79
C ASP A 304 8.44 26.39 -32.62
N TYR A 305 7.60 26.18 -33.64
CA TYR A 305 7.70 25.03 -34.55
C TYR A 305 8.63 25.36 -35.73
N LYS A 306 9.24 26.58 -35.72
CA LYS A 306 10.10 27.07 -36.80
C LYS A 306 11.51 27.53 -36.36
N ASP A 307 12.15 26.89 -35.34
CA ASP A 307 13.52 27.28 -34.92
C ASP A 307 14.50 26.92 -36.04
N PRO A 308 15.22 27.90 -36.66
CA PRO A 308 16.13 27.56 -37.76
C PRO A 308 17.37 26.72 -37.43
N ARG A 309 17.82 26.71 -36.14
CA ARG A 309 18.96 25.91 -35.73
C ARG A 309 18.56 24.42 -35.85
N ARG A 310 17.54 24.02 -35.05
CA ARG A 310 16.98 22.67 -34.97
C ARG A 310 16.43 22.20 -36.31
N THR A 311 15.90 23.13 -37.14
CA THR A 311 15.32 22.79 -38.45
C THR A 311 16.43 22.43 -39.47
N GLU A 312 17.57 23.18 -39.52
CA GLU A 312 18.65 22.83 -40.45
C GLU A 312 19.24 21.49 -40.06
N LEU A 313 19.58 21.32 -38.76
CA LEU A 313 20.10 20.09 -38.19
C LEU A 313 19.29 18.89 -38.72
N MET A 314 17.95 19.00 -38.61
CA MET A 314 16.95 18.02 -39.03
C MET A 314 16.79 17.95 -40.55
N VAL A 315 17.13 19.03 -41.27
CA VAL A 315 17.06 19.06 -42.75
C VAL A 315 18.25 18.24 -43.28
N SER A 316 19.42 18.41 -42.63
CA SER A 316 20.65 17.68 -42.92
C SER A 316 20.45 16.19 -42.59
N MET A 317 19.71 15.91 -41.48
CA MET A 317 19.37 14.56 -41.00
C MET A 317 18.47 13.76 -41.97
N GLY A 318 18.02 14.44 -43.04
CA GLY A 318 17.16 13.85 -44.06
C GLY A 318 15.71 14.24 -43.99
N TYR A 319 15.28 14.87 -42.87
CA TYR A 319 13.89 15.31 -42.67
C TYR A 319 13.58 16.52 -43.57
N THR A 320 12.33 16.64 -44.05
CA THR A 320 11.94 17.78 -44.88
C THR A 320 11.37 18.86 -43.98
N ARG A 321 11.58 20.17 -44.30
CA ARG A 321 11.05 21.33 -43.53
C ARG A 321 9.55 21.13 -43.35
N GLU A 322 8.95 20.60 -44.43
CA GLU A 322 7.55 20.31 -44.64
C GLU A 322 7.04 19.32 -43.57
N GLU A 323 7.69 18.13 -43.44
CA GLU A 323 7.30 17.12 -42.47
C GLU A 323 7.57 17.57 -41.03
N ILE A 324 8.60 18.41 -40.83
CA ILE A 324 8.96 18.97 -39.54
C ILE A 324 7.76 19.77 -39.02
N GLN A 325 7.33 20.82 -39.76
CA GLN A 325 6.20 21.66 -39.37
C GLN A 325 4.88 20.85 -39.18
N ASP A 326 4.56 19.94 -40.12
CA ASP A 326 3.35 19.12 -40.05
C ASP A 326 3.28 18.27 -38.78
N SER A 327 4.39 17.57 -38.42
CA SER A 327 4.51 16.73 -37.21
C SER A 327 4.31 17.57 -35.94
N LEU A 328 4.87 18.80 -35.93
CA LEU A 328 4.80 19.74 -34.82
C LEU A 328 3.44 20.32 -34.65
N VAL A 329 2.83 20.85 -35.75
CA VAL A 329 1.49 21.44 -35.75
C VAL A 329 0.45 20.36 -35.43
N GLY A 330 0.64 19.19 -36.03
CA GLY A 330 -0.21 18.02 -35.83
C GLY A 330 -0.01 17.37 -34.49
N GLN A 331 1.04 17.77 -33.73
CA GLN A 331 1.41 17.27 -32.40
C GLN A 331 1.32 15.74 -32.40
N ARG A 332 2.02 15.14 -33.36
CA ARG A 332 2.01 13.71 -33.63
C ARG A 332 2.83 12.86 -32.65
N TYR A 333 3.90 13.44 -32.06
CA TYR A 333 4.83 12.76 -31.13
C TYR A 333 5.43 11.55 -31.84
N ASN A 334 5.87 11.80 -33.08
CA ASN A 334 6.50 10.80 -33.94
C ASN A 334 8.01 10.98 -33.81
N GLU A 335 8.78 10.28 -34.64
CA GLU A 335 10.23 10.39 -34.57
C GLU A 335 10.73 11.79 -34.97
N VAL A 336 9.97 12.51 -35.85
CA VAL A 336 10.29 13.87 -36.29
C VAL A 336 10.11 14.84 -35.11
N MET A 337 8.95 14.79 -34.41
CA MET A 337 8.67 15.65 -33.27
C MET A 337 9.64 15.42 -32.12
N ALA A 338 9.87 14.13 -31.74
CA ALA A 338 10.81 13.74 -30.69
C ALA A 338 12.21 14.27 -31.00
N THR A 339 12.65 14.19 -32.30
CA THR A 339 13.97 14.68 -32.73
C THR A 339 14.04 16.20 -32.51
N TYR A 340 12.93 16.92 -32.73
CA TYR A 340 12.85 18.38 -32.56
C TYR A 340 12.88 18.78 -31.08
N LEU A 341 11.97 18.19 -30.26
CA LEU A 341 11.83 18.46 -28.80
C LEU A 341 13.13 18.23 -28.06
N LEU A 342 13.80 17.10 -28.38
CA LEU A 342 15.06 16.68 -27.80
C LEU A 342 16.24 17.55 -28.27
N LEU A 343 16.12 18.22 -29.43
CA LEU A 343 17.19 19.07 -29.94
C LEU A 343 17.25 20.42 -29.21
N GLY A 344 16.20 20.76 -28.45
CA GLY A 344 16.10 22.00 -27.69
C GLY A 344 16.60 21.82 -26.27
N TYR A 345 17.90 21.48 -26.16
CA TYR A 345 18.65 21.24 -24.91
C TYR A 345 20.16 21.60 -25.04
N PRO B 30 23.20 -12.93 19.85
CA PRO B 30 22.38 -12.18 20.80
C PRO B 30 21.71 -13.07 21.84
N HIS B 31 21.19 -12.46 22.92
CA HIS B 31 20.57 -13.17 24.06
C HIS B 31 19.56 -12.31 24.81
N ILE B 32 18.39 -12.90 25.15
CA ILE B 32 17.30 -12.32 25.95
C ILE B 32 16.67 -13.47 26.72
N GLY B 33 17.18 -13.69 27.91
CA GLY B 33 16.72 -14.77 28.78
C GLY B 33 17.11 -16.09 28.18
N ASN B 34 16.10 -16.94 27.93
CA ASN B 34 16.26 -18.28 27.36
C ASN B 34 16.26 -18.25 25.82
N TYR B 35 16.54 -17.10 25.21
CA TYR B 35 16.52 -17.01 23.74
C TYR B 35 17.83 -16.59 23.10
N ARG B 36 18.14 -17.24 21.99
CA ARG B 36 19.31 -16.96 21.17
C ARG B 36 18.79 -16.45 19.84
N LEU B 37 18.98 -15.16 19.57
CA LEU B 37 18.51 -14.54 18.32
C LEU B 37 19.41 -14.95 17.17
N LEU B 38 18.82 -15.56 16.15
CA LEU B 38 19.49 -16.04 14.93
C LEU B 38 19.35 -14.99 13.78
N LYS B 39 18.46 -15.22 12.80
CA LYS B 39 18.26 -14.27 11.70
C LYS B 39 17.38 -13.10 12.16
N THR B 40 16.74 -12.43 11.18
CA THR B 40 15.82 -11.32 11.33
C THR B 40 14.83 -11.54 10.21
N ILE B 41 13.62 -12.04 10.52
CA ILE B 41 12.60 -12.31 9.50
C ILE B 41 11.92 -11.02 9.00
N GLY B 42 11.99 -9.95 9.79
CA GLY B 42 11.39 -8.65 9.45
C GLY B 42 11.88 -7.51 10.34
N LYS B 43 11.79 -6.25 9.85
CA LYS B 43 12.26 -5.12 10.63
C LYS B 43 11.45 -3.84 10.39
N GLY B 44 11.95 -2.71 10.86
CA GLY B 44 11.30 -1.42 10.72
C GLY B 44 11.75 -0.35 11.68
N ASN B 45 10.79 0.23 12.40
CA ASN B 45 10.99 1.31 13.38
C ASN B 45 10.10 1.05 14.58
N PHE B 46 8.86 0.65 14.29
CA PHE B 46 7.88 0.30 15.28
C PHE B 46 8.43 -0.96 15.96
N ALA B 47 8.80 -2.01 15.18
CA ALA B 47 9.37 -3.27 15.71
C ALA B 47 10.31 -4.04 14.74
N LYS B 48 11.07 -5.01 15.28
CA LYS B 48 12.01 -5.91 14.61
C LYS B 48 11.66 -7.34 15.06
N VAL B 49 11.26 -8.22 14.11
CA VAL B 49 10.89 -9.62 14.35
C VAL B 49 12.11 -10.50 14.05
N LYS B 50 12.74 -11.03 15.10
CA LYS B 50 13.94 -11.85 14.98
C LYS B 50 13.68 -13.33 15.23
N LEU B 51 14.13 -14.19 14.32
CA LEU B 51 14.00 -15.65 14.44
C LEU B 51 14.95 -16.05 15.56
N ALA B 52 14.46 -16.81 16.56
CA ALA B 52 15.26 -17.24 17.70
C ALA B 52 15.12 -18.70 18.04
N ARG B 53 15.91 -19.17 19.01
CA ARG B 53 15.90 -20.55 19.49
C ARG B 53 15.80 -20.55 21.01
N HIS B 54 14.88 -21.35 21.57
CA HIS B 54 14.74 -21.48 23.02
C HIS B 54 15.90 -22.36 23.49
N ILE B 55 16.84 -21.78 24.26
CA ILE B 55 18.04 -22.42 24.80
C ILE B 55 17.76 -23.80 25.43
N LEU B 56 16.76 -23.79 26.30
CA LEU B 56 16.32 -24.89 27.14
C LEU B 56 15.58 -26.05 26.44
N THR B 57 14.95 -25.81 25.28
CA THR B 57 14.22 -26.86 24.57
C THR B 57 14.68 -27.07 23.11
N GLY B 58 15.57 -26.19 22.62
CA GLY B 58 16.08 -26.22 21.26
C GLY B 58 15.06 -25.72 20.23
N LYS B 59 13.78 -25.62 20.67
CA LYS B 59 12.60 -25.20 19.90
C LYS B 59 12.72 -23.80 19.34
N GLU B 60 12.42 -23.68 18.05
CA GLU B 60 12.48 -22.43 17.34
C GLU B 60 11.24 -21.58 17.57
N VAL B 61 11.48 -20.27 17.82
CA VAL B 61 10.45 -19.24 18.06
C VAL B 61 10.75 -18.03 17.17
N ALA B 62 9.80 -17.08 17.11
CA ALA B 62 9.92 -15.85 16.35
C ALA B 62 9.64 -14.75 17.36
N VAL B 63 10.68 -13.98 17.73
CA VAL B 63 10.58 -12.90 18.74
C VAL B 63 10.31 -11.52 18.13
N LYS B 64 9.19 -10.89 18.52
CA LYS B 64 8.82 -9.55 18.08
C LYS B 64 9.43 -8.57 19.13
N ILE B 65 10.27 -7.60 18.68
CA ILE B 65 10.95 -6.64 19.57
C ILE B 65 10.51 -5.18 19.29
N ILE B 66 9.49 -4.75 20.06
CA ILE B 66 8.88 -3.43 19.96
C ILE B 66 9.59 -2.46 20.87
N ASP B 67 10.03 -1.31 20.33
CA ASP B 67 10.68 -0.28 21.13
C ASP B 67 9.57 0.69 21.43
N LYS B 68 8.98 0.54 22.62
CA LYS B 68 7.85 1.31 23.13
C LYS B 68 8.09 2.82 23.18
N THR B 69 9.37 3.26 23.34
CA THR B 69 9.73 4.68 23.39
C THR B 69 9.31 5.44 22.14
N GLN B 70 9.44 4.78 20.98
CA GLN B 70 9.08 5.33 19.68
C GLN B 70 7.56 5.49 19.54
N LEU B 71 6.81 4.36 19.67
CA LEU B 71 5.35 4.26 19.51
C LEU B 71 4.56 5.43 19.98
N ASN B 72 3.71 5.95 19.08
CA ASN B 72 2.82 7.06 19.35
C ASN B 72 1.70 6.58 20.27
N SER B 73 1.23 7.48 21.13
CA SER B 73 0.19 7.30 22.15
C SER B 73 -0.94 6.33 21.72
N SER B 74 -1.31 6.41 20.45
CA SER B 74 -2.33 5.57 19.84
C SER B 74 -1.80 4.13 19.77
N SER B 75 -0.77 3.88 18.92
CA SER B 75 -0.10 2.60 18.63
C SER B 75 0.17 1.70 19.85
N LEU B 76 0.32 2.33 21.02
CA LEU B 76 0.57 1.70 22.31
C LEU B 76 -0.64 0.93 22.81
N GLN B 77 -1.83 1.59 22.87
CA GLN B 77 -3.10 1.01 23.32
C GLN B 77 -3.41 -0.18 22.45
N LYS B 78 -3.14 -0.04 21.13
CA LYS B 78 -3.35 -1.05 20.09
C LYS B 78 -2.37 -2.21 20.25
N LEU B 79 -1.19 -1.95 20.86
CA LEU B 79 -0.18 -2.97 21.13
C LEU B 79 -0.62 -3.80 22.34
N PHE B 80 -1.11 -3.10 23.38
CA PHE B 80 -1.59 -3.71 24.62
C PHE B 80 -2.86 -4.51 24.37
N ARG B 81 -3.72 -4.04 23.45
CA ARG B 81 -4.94 -4.74 23.07
C ARG B 81 -4.52 -6.08 22.40
N GLU B 82 -3.43 -6.08 21.58
CA GLU B 82 -2.91 -7.28 20.90
C GLU B 82 -2.39 -8.28 21.93
N VAL B 83 -1.56 -7.81 22.90
CA VAL B 83 -0.96 -8.63 23.97
C VAL B 83 -2.06 -9.39 24.69
N ARG B 84 -3.13 -8.66 25.09
CA ARG B 84 -4.33 -9.16 25.77
C ARG B 84 -5.03 -10.28 24.98
N ILE B 85 -5.13 -10.08 23.65
CA ILE B 85 -5.75 -11.00 22.69
C ILE B 85 -4.93 -12.25 22.49
N MET B 86 -3.61 -12.10 22.23
CA MET B 86 -2.68 -13.20 22.01
C MET B 86 -2.71 -14.20 23.16
N LYS B 87 -2.77 -13.67 24.41
CA LYS B 87 -2.82 -14.42 25.66
C LYS B 87 -4.06 -15.32 25.80
N VAL B 88 -5.13 -15.02 25.04
CA VAL B 88 -6.42 -15.71 25.09
C VAL B 88 -6.66 -16.75 23.98
N LEU B 89 -6.19 -16.49 22.77
CA LEU B 89 -6.40 -17.40 21.65
C LEU B 89 -5.46 -18.61 21.67
N ASN B 90 -6.06 -19.82 21.62
CA ASN B 90 -5.36 -21.10 21.56
C ASN B 90 -6.00 -21.92 20.43
N HIS B 91 -5.56 -21.65 19.20
CA HIS B 91 -6.05 -22.30 18.01
C HIS B 91 -4.85 -22.81 17.22
N PRO B 92 -4.94 -24.00 16.58
CA PRO B 92 -3.81 -24.52 15.78
C PRO B 92 -3.54 -23.76 14.47
N ASN B 93 -4.37 -22.75 14.17
CA ASN B 93 -4.27 -21.99 12.95
C ASN B 93 -4.13 -20.48 13.20
N ILE B 94 -3.70 -20.10 14.40
CA ILE B 94 -3.41 -18.73 14.83
C ILE B 94 -2.02 -18.80 15.47
N VAL B 95 -1.14 -17.80 15.21
CA VAL B 95 0.20 -17.81 15.83
C VAL B 95 0.04 -17.80 17.36
N LYS B 96 0.61 -18.82 18.02
CA LYS B 96 0.54 -18.96 19.46
C LYS B 96 1.54 -18.01 20.12
N LEU B 97 1.19 -17.48 21.29
CA LEU B 97 2.07 -16.61 22.07
C LEU B 97 2.66 -17.52 23.14
N PHE B 98 4.00 -17.46 23.35
CA PHE B 98 4.70 -18.29 24.36
C PHE B 98 5.18 -17.47 25.54
N GLU B 99 5.75 -16.27 25.27
CA GLU B 99 6.28 -15.40 26.32
C GLU B 99 6.12 -13.94 26.01
N VAL B 100 6.06 -13.14 27.09
CA VAL B 100 5.99 -11.68 27.12
C VAL B 100 7.12 -11.29 28.10
N ILE B 101 8.14 -10.60 27.58
CA ILE B 101 9.29 -10.10 28.33
C ILE B 101 9.11 -8.59 28.31
N GLU B 102 8.80 -8.00 29.48
CA GLU B 102 8.57 -6.56 29.62
C GLU B 102 9.69 -5.83 30.30
N THR B 103 10.07 -4.71 29.68
CA THR B 103 11.06 -3.72 30.13
C THR B 103 10.33 -2.33 30.00
N GLU B 104 10.86 -1.26 30.60
CA GLU B 104 10.21 0.03 30.49
C GLU B 104 10.27 0.51 29.06
N LYS B 105 11.45 0.46 28.44
CA LYS B 105 11.69 0.92 27.08
C LYS B 105 11.26 -0.03 25.97
N THR B 106 11.36 -1.36 26.18
CA THR B 106 11.01 -2.27 25.09
C THR B 106 10.15 -3.48 25.51
N LEU B 107 9.41 -4.03 24.53
CA LEU B 107 8.54 -5.18 24.73
C LEU B 107 8.97 -6.35 23.83
N TYR B 108 9.11 -7.55 24.41
CA TYR B 108 9.52 -8.77 23.71
C TYR B 108 8.39 -9.79 23.63
N LEU B 109 7.81 -9.98 22.44
CA LEU B 109 6.74 -10.94 22.31
C LEU B 109 7.27 -12.17 21.61
N VAL B 110 7.41 -13.28 22.36
CA VAL B 110 7.92 -14.54 21.85
C VAL B 110 6.76 -15.35 21.36
N MET B 111 6.62 -15.42 20.02
CA MET B 111 5.52 -16.11 19.36
C MET B 111 5.95 -17.29 18.52
N GLU B 112 4.97 -18.00 17.97
CA GLU B 112 5.15 -19.18 17.12
C GLU B 112 5.72 -18.77 15.75
N TYR B 113 6.76 -19.51 15.28
CA TYR B 113 7.39 -19.24 14.00
C TYR B 113 6.72 -20.03 12.87
N ALA B 114 6.28 -19.32 11.81
CA ALA B 114 5.65 -19.93 10.65
C ALA B 114 6.67 -19.93 9.50
N SER B 115 7.37 -21.06 9.31
CA SER B 115 8.45 -21.25 8.33
C SER B 115 8.10 -21.08 6.83
N GLY B 116 6.86 -21.33 6.45
CA GLY B 116 6.41 -21.22 5.07
C GLY B 116 6.26 -19.80 4.54
N GLY B 117 6.32 -18.80 5.42
CA GLY B 117 6.20 -17.39 5.05
C GLY B 117 4.78 -16.96 4.82
N GLU B 118 4.57 -15.83 4.14
CA GLU B 118 3.19 -15.40 3.92
C GLU B 118 2.55 -16.07 2.70
N VAL B 119 1.21 -16.18 2.74
CA VAL B 119 0.39 -16.83 1.74
C VAL B 119 0.45 -15.99 0.46
N PHE B 120 0.51 -14.66 0.62
CA PHE B 120 0.62 -13.69 -0.47
C PHE B 120 1.81 -14.08 -1.33
N ASP B 121 3.00 -14.23 -0.71
CA ASP B 121 4.21 -14.62 -1.40
C ASP B 121 4.10 -16.02 -2.02
N TYR B 122 3.27 -16.92 -1.44
CA TYR B 122 3.09 -18.26 -2.01
C TYR B 122 2.25 -18.16 -3.29
N LEU B 123 1.17 -17.36 -3.23
CA LEU B 123 0.25 -17.15 -4.35
C LEU B 123 0.91 -16.45 -5.54
N VAL B 124 1.94 -15.63 -5.28
CA VAL B 124 2.66 -14.96 -6.36
C VAL B 124 3.66 -15.96 -6.96
N ALA B 125 4.30 -16.80 -6.11
CA ALA B 125 5.28 -17.81 -6.48
C ALA B 125 4.73 -19.07 -7.16
N HIS B 126 3.51 -19.48 -6.81
CA HIS B 126 2.92 -20.69 -7.35
C HIS B 126 1.64 -20.49 -8.13
N GLY B 127 1.18 -19.25 -8.19
CA GLY B 127 -0.06 -18.90 -8.86
C GLY B 127 -1.23 -19.31 -7.99
N ARG B 128 -2.43 -19.37 -8.58
CA ARG B 128 -3.65 -19.77 -7.89
C ARG B 128 -3.53 -21.19 -7.32
N MET B 129 -4.35 -21.51 -6.31
CA MET B 129 -4.40 -22.84 -5.71
C MET B 129 -5.57 -23.57 -6.36
N LYS B 130 -5.50 -24.90 -6.41
CA LYS B 130 -6.63 -25.65 -6.93
C LYS B 130 -7.72 -25.54 -5.85
N GLU B 131 -8.99 -25.61 -6.22
CA GLU B 131 -10.08 -25.49 -5.25
C GLU B 131 -9.93 -26.42 -4.06
N LYS B 132 -9.37 -27.62 -4.30
CA LYS B 132 -9.11 -28.69 -3.34
C LYS B 132 -8.12 -28.23 -2.28
N GLU B 133 -7.02 -27.61 -2.73
CA GLU B 133 -5.92 -27.08 -1.93
C GLU B 133 -6.38 -25.81 -1.21
N ALA B 134 -7.12 -24.93 -1.92
CA ALA B 134 -7.65 -23.69 -1.36
C ALA B 134 -8.62 -24.00 -0.22
N ARG B 135 -9.42 -25.08 -0.36
CA ARG B 135 -10.40 -25.55 0.64
C ARG B 135 -9.73 -25.93 1.92
N ALA B 136 -8.57 -26.64 1.81
CA ALA B 136 -7.76 -27.13 2.92
C ALA B 136 -7.31 -25.99 3.82
N LYS B 137 -6.82 -24.91 3.18
CA LYS B 137 -6.36 -23.70 3.83
C LYS B 137 -7.53 -22.83 4.31
N PHE B 138 -8.58 -22.66 3.46
CA PHE B 138 -9.74 -21.83 3.80
C PHE B 138 -10.54 -22.35 5.00
N ARG B 139 -10.61 -23.68 5.19
CA ARG B 139 -11.32 -24.27 6.33
C ARG B 139 -10.59 -23.81 7.61
N GLN B 140 -9.24 -23.88 7.59
CA GLN B 140 -8.35 -23.46 8.65
C GLN B 140 -8.55 -21.98 8.96
N ILE B 141 -8.68 -21.13 7.91
CA ILE B 141 -8.91 -19.68 8.03
C ILE B 141 -10.28 -19.40 8.66
N VAL B 142 -11.36 -19.94 8.07
CA VAL B 142 -12.73 -19.77 8.55
C VAL B 142 -12.89 -20.21 10.01
N SER B 143 -12.30 -21.36 10.38
CA SER B 143 -12.37 -21.89 11.75
C SER B 143 -11.76 -20.95 12.78
N ALA B 144 -10.53 -20.46 12.48
CA ALA B 144 -9.71 -19.56 13.28
C ALA B 144 -10.33 -18.17 13.44
N VAL B 145 -10.99 -17.65 12.39
CA VAL B 145 -11.61 -16.33 12.42
C VAL B 145 -12.93 -16.41 13.17
N GLN B 146 -13.71 -17.52 13.03
CA GLN B 146 -14.97 -17.64 13.78
C GLN B 146 -14.65 -17.83 15.26
N TYR B 147 -13.57 -18.61 15.59
CA TYR B 147 -13.09 -18.82 16.96
C TYR B 147 -12.74 -17.46 17.61
N CYS B 148 -12.26 -16.49 16.82
CA CYS B 148 -11.94 -15.13 17.28
C CYS B 148 -13.27 -14.45 17.63
N HIS B 149 -14.26 -14.52 16.72
CA HIS B 149 -15.58 -13.94 16.87
C HIS B 149 -16.36 -14.56 18.04
N GLN B 150 -16.09 -15.83 18.30
CA GLN B 150 -16.64 -16.64 19.37
C GLN B 150 -16.27 -16.01 20.72
N LYS B 151 -15.08 -15.39 20.80
CA LYS B 151 -14.55 -14.72 21.98
C LYS B 151 -14.68 -13.20 21.87
N PHE B 152 -15.53 -12.73 20.91
CA PHE B 152 -15.82 -11.32 20.60
C PHE B 152 -14.57 -10.51 20.23
N ILE B 153 -13.67 -11.12 19.43
CA ILE B 153 -12.43 -10.53 18.91
C ILE B 153 -12.58 -10.43 17.38
N VAL B 154 -12.47 -9.20 16.85
CA VAL B 154 -12.58 -8.95 15.42
C VAL B 154 -11.21 -8.46 14.87
N HIS B 155 -10.69 -9.15 13.82
CA HIS B 155 -9.40 -8.83 13.20
C HIS B 155 -9.44 -7.46 12.50
N ARG B 156 -10.55 -7.14 11.80
CA ARG B 156 -10.79 -5.90 11.07
C ARG B 156 -9.70 -5.54 10.03
N ASP B 157 -8.74 -6.47 9.77
CA ASP B 157 -7.66 -6.27 8.78
C ASP B 157 -7.12 -7.59 8.20
N LEU B 158 -8.00 -8.44 7.65
CA LEU B 158 -7.58 -9.70 7.03
C LEU B 158 -7.00 -9.40 5.66
N LYS B 159 -5.77 -9.84 5.40
CA LYS B 159 -5.05 -9.68 4.13
C LYS B 159 -4.39 -11.03 3.82
N ALA B 160 -3.79 -11.20 2.62
CA ALA B 160 -3.06 -12.41 2.25
C ALA B 160 -1.69 -12.35 2.91
N GLU B 161 -1.21 -11.14 3.18
CA GLU B 161 0.05 -10.85 3.84
C GLU B 161 -0.04 -11.24 5.30
N ASN B 162 -1.24 -11.07 5.89
CA ASN B 162 -1.64 -11.34 7.27
C ASN B 162 -1.76 -12.84 7.59
N LEU B 163 -1.75 -13.69 6.58
CA LEU B 163 -1.86 -15.12 6.78
C LEU B 163 -0.54 -15.74 6.48
N LEU B 164 -0.10 -16.62 7.36
CA LEU B 164 1.18 -17.30 7.21
C LEU B 164 1.01 -18.80 7.05
N LEU B 165 2.08 -19.49 6.62
CA LEU B 165 2.09 -20.93 6.42
C LEU B 165 3.17 -21.57 7.31
N ASP B 166 2.87 -22.73 7.91
CA ASP B 166 3.83 -23.43 8.75
C ASP B 166 4.66 -24.42 7.90
N ALA B 167 5.49 -25.25 8.56
CA ALA B 167 6.35 -26.24 7.90
C ALA B 167 5.54 -27.22 7.03
N ASP B 168 4.31 -27.60 7.47
CA ASP B 168 3.39 -28.52 6.80
C ASP B 168 2.28 -27.81 5.95
N MET B 169 2.50 -26.54 5.58
CA MET B 169 1.61 -25.69 4.79
C MET B 169 0.23 -25.46 5.46
N ASN B 170 0.22 -25.35 6.80
CA ASN B 170 -0.98 -25.09 7.59
C ASN B 170 -1.05 -23.60 7.92
N ILE B 171 -2.24 -23.00 7.75
CA ILE B 171 -2.48 -21.58 8.00
C ILE B 171 -2.16 -21.20 9.44
N LYS B 172 -1.44 -20.08 9.63
CA LYS B 172 -1.07 -19.53 10.92
C LYS B 172 -1.32 -18.04 10.81
N ILE B 173 -2.51 -17.60 11.27
CA ILE B 173 -2.97 -16.20 11.20
C ILE B 173 -2.11 -15.26 12.05
N ALA B 174 -1.42 -14.35 11.37
CA ALA B 174 -0.53 -13.36 11.96
C ALA B 174 -1.26 -12.34 12.78
N ASP B 175 -0.61 -11.98 13.89
CA ASP B 175 -1.00 -11.03 14.93
C ASP B 175 -1.77 -9.79 14.42
N PHE B 176 -2.59 -9.21 15.33
CA PHE B 176 -3.44 -8.05 15.04
C PHE B 176 -3.23 -6.85 16.01
N GLY B 177 -2.45 -5.89 15.53
CA GLY B 177 -2.08 -4.64 16.18
C GLY B 177 -0.64 -4.22 15.88
N SER B 194 -4.10 -4.35 1.39
CA SER B 194 -4.91 -3.80 2.49
C SER B 194 -6.26 -3.18 2.01
N PRO B 195 -6.32 -2.07 1.22
CA PRO B 195 -7.61 -1.57 0.72
C PRO B 195 -8.48 -2.52 -0.13
N PRO B 196 -8.00 -3.54 -0.90
CA PRO B 196 -8.97 -4.39 -1.65
C PRO B 196 -9.79 -5.34 -0.76
N TYR B 197 -9.35 -5.50 0.49
CA TYR B 197 -10.01 -6.33 1.50
C TYR B 197 -10.99 -5.50 2.31
N ALA B 198 -10.99 -4.16 2.10
CA ALA B 198 -11.88 -3.23 2.79
C ALA B 198 -13.36 -3.53 2.51
N ALA B 199 -14.18 -3.57 3.58
CA ALA B 199 -15.62 -3.84 3.46
C ALA B 199 -16.31 -2.61 2.83
N PRO B 200 -17.49 -2.74 2.14
CA PRO B 200 -18.10 -1.54 1.53
C PRO B 200 -18.43 -0.44 2.54
N GLU B 201 -18.81 -0.84 3.78
CA GLU B 201 -19.13 0.06 4.88
C GLU B 201 -18.00 1.03 5.26
N LEU B 202 -16.80 0.86 4.67
CA LEU B 202 -15.67 1.76 4.93
C LEU B 202 -15.84 3.00 4.07
N PHE B 203 -16.09 2.81 2.76
CA PHE B 203 -16.21 3.87 1.77
C PHE B 203 -17.54 4.65 1.83
N GLN B 204 -18.35 4.37 2.88
CA GLN B 204 -19.61 5.00 3.25
C GLN B 204 -19.34 5.47 4.70
N GLY B 205 -20.16 6.35 5.24
CA GLY B 205 -19.95 6.82 6.61
C GLY B 205 -20.12 5.78 7.70
N LYS B 206 -20.75 4.63 7.35
CA LYS B 206 -21.09 3.47 8.20
C LYS B 206 -20.05 3.05 9.24
N LYS B 207 -20.54 2.48 10.35
CA LYS B 207 -19.75 1.97 11.46
C LYS B 207 -18.98 0.72 11.01
N TYR B 208 -17.65 0.72 11.22
CA TYR B 208 -16.72 -0.35 10.84
C TYR B 208 -16.19 -1.07 12.08
N ASP B 209 -17.09 -1.55 12.97
CA ASP B 209 -16.67 -2.23 14.21
C ASP B 209 -17.14 -3.70 14.37
N GLY B 210 -18.17 -4.10 13.63
CA GLY B 210 -18.73 -5.45 13.72
C GLY B 210 -17.89 -6.60 13.20
N PRO B 211 -18.32 -7.87 13.43
CA PRO B 211 -17.56 -9.01 12.94
C PRO B 211 -17.86 -9.34 11.48
N GLU B 212 -19.01 -8.88 10.96
CA GLU B 212 -19.44 -9.08 9.58
C GLU B 212 -18.54 -8.34 8.58
N VAL B 213 -17.55 -7.61 9.10
CA VAL B 213 -16.53 -6.86 8.36
C VAL B 213 -15.51 -7.91 7.88
N ASP B 214 -15.17 -8.86 8.79
CA ASP B 214 -14.24 -9.98 8.58
C ASP B 214 -14.80 -11.01 7.61
N VAL B 215 -16.15 -11.11 7.57
CA VAL B 215 -16.96 -11.97 6.71
C VAL B 215 -16.72 -11.52 5.25
N TRP B 216 -16.82 -10.19 4.96
CA TRP B 216 -16.57 -9.62 3.64
C TRP B 216 -15.12 -9.95 3.25
N SER B 217 -14.16 -9.56 4.11
CA SER B 217 -12.72 -9.76 3.98
C SER B 217 -12.38 -11.20 3.64
N LEU B 218 -13.11 -12.20 4.22
CA LEU B 218 -12.94 -13.65 3.98
C LEU B 218 -13.37 -14.06 2.57
N GLY B 219 -14.37 -13.36 2.04
CA GLY B 219 -14.87 -13.55 0.69
C GLY B 219 -13.75 -13.22 -0.27
N VAL B 220 -13.13 -12.01 -0.08
CA VAL B 220 -11.99 -11.47 -0.85
C VAL B 220 -10.83 -12.47 -0.84
N ILE B 221 -10.40 -12.93 0.36
CA ILE B 221 -9.32 -13.89 0.60
C ILE B 221 -9.52 -15.13 -0.23
N LEU B 222 -10.70 -15.79 -0.09
CA LEU B 222 -11.06 -17.00 -0.80
C LEU B 222 -10.94 -16.81 -2.28
N TYR B 223 -11.43 -15.69 -2.79
CA TYR B 223 -11.35 -15.36 -4.20
C TYR B 223 -9.89 -15.38 -4.63
N THR B 224 -8.99 -14.76 -3.84
CA THR B 224 -7.55 -14.71 -4.15
C THR B 224 -6.91 -16.06 -4.06
N LEU B 225 -7.36 -16.88 -3.11
CA LEU B 225 -6.82 -18.22 -2.95
C LEU B 225 -7.07 -19.11 -4.16
N VAL B 226 -8.27 -19.03 -4.77
CA VAL B 226 -8.66 -19.85 -5.93
C VAL B 226 -8.31 -19.25 -7.30
N SER B 227 -8.16 -17.90 -7.38
CA SER B 227 -7.88 -17.19 -8.64
C SER B 227 -6.53 -16.51 -8.72
N GLY B 228 -5.85 -16.32 -7.59
CA GLY B 228 -4.56 -15.66 -7.50
C GLY B 228 -4.59 -14.16 -7.79
N SER B 229 -5.79 -13.55 -7.80
CA SER B 229 -5.94 -12.13 -8.08
C SER B 229 -7.00 -11.52 -7.18
N LEU B 230 -7.16 -10.19 -7.22
CA LEU B 230 -8.15 -9.52 -6.37
C LEU B 230 -9.49 -9.37 -7.06
N PRO B 231 -10.62 -9.49 -6.32
CA PRO B 231 -11.94 -9.37 -6.97
C PRO B 231 -12.31 -7.95 -7.34
N PHE B 232 -11.85 -6.99 -6.51
CA PHE B 232 -12.09 -5.56 -6.68
C PHE B 232 -10.75 -4.88 -6.77
N ASP B 233 -10.45 -4.33 -7.95
CA ASP B 233 -9.19 -3.64 -8.17
C ASP B 233 -9.32 -2.59 -9.24
N GLY B 234 -8.51 -1.56 -9.09
CA GLY B 234 -8.43 -0.44 -10.01
C GLY B 234 -7.01 0.08 -10.11
N GLN B 235 -6.88 1.39 -10.26
CA GLN B 235 -5.59 2.05 -10.38
C GLN B 235 -5.44 3.01 -9.21
N ASN B 236 -6.45 3.87 -8.98
CA ASN B 236 -6.55 4.86 -7.90
C ASN B 236 -7.54 4.32 -6.87
N LEU B 237 -7.86 5.07 -5.81
CA LEU B 237 -8.81 4.60 -4.79
C LEU B 237 -10.27 4.96 -5.10
N LYS B 238 -10.50 5.92 -6.02
CA LYS B 238 -11.84 6.34 -6.45
C LYS B 238 -12.43 5.19 -7.27
N GLU B 239 -11.55 4.49 -8.01
CA GLU B 239 -11.83 3.33 -8.85
C GLU B 239 -12.07 2.11 -7.97
N LEU B 240 -11.20 1.89 -6.96
CA LEU B 240 -11.27 0.80 -5.99
C LEU B 240 -12.61 0.86 -5.26
N ARG B 241 -13.02 2.08 -4.81
CA ARG B 241 -14.27 2.35 -4.12
C ARG B 241 -15.49 2.06 -5.00
N GLU B 242 -15.49 2.53 -6.26
CA GLU B 242 -16.58 2.34 -7.24
C GLU B 242 -16.84 0.85 -7.51
N ARG B 243 -15.77 0.05 -7.44
CA ARG B 243 -15.77 -1.39 -7.64
C ARG B 243 -16.37 -2.12 -6.45
N VAL B 244 -15.86 -1.81 -5.23
CA VAL B 244 -16.25 -2.36 -3.93
C VAL B 244 -17.71 -2.04 -3.63
N LEU B 245 -18.14 -0.78 -3.84
CA LEU B 245 -19.54 -0.37 -3.60
C LEU B 245 -20.54 -0.96 -4.60
N ARG B 246 -20.09 -1.29 -5.83
CA ARG B 246 -20.95 -1.91 -6.85
C ARG B 246 -21.20 -3.38 -6.45
N GLY B 247 -20.22 -3.97 -5.77
CA GLY B 247 -20.28 -5.35 -5.27
C GLY B 247 -20.10 -6.44 -6.29
N LYS B 248 -19.89 -6.06 -7.55
CA LYS B 248 -19.71 -7.02 -8.61
C LYS B 248 -18.24 -7.30 -8.85
N TYR B 249 -17.91 -8.60 -9.02
CA TYR B 249 -16.54 -9.10 -9.24
C TYR B 249 -16.42 -9.95 -10.49
N ARG B 250 -15.18 -10.12 -11.00
CA ARG B 250 -14.90 -10.92 -12.21
C ARG B 250 -14.92 -12.41 -11.83
N ILE B 251 -15.68 -13.26 -12.55
CA ILE B 251 -15.71 -14.70 -12.24
C ILE B 251 -14.82 -15.49 -13.20
N PRO B 252 -13.75 -16.15 -12.67
CA PRO B 252 -12.87 -16.91 -13.55
C PRO B 252 -13.57 -18.07 -14.21
N PHE B 253 -13.30 -18.23 -15.49
CA PHE B 253 -13.90 -19.29 -16.31
C PHE B 253 -13.75 -20.70 -15.73
N TYR B 254 -12.75 -20.93 -14.86
CA TYR B 254 -12.46 -22.22 -14.27
C TYR B 254 -13.12 -22.45 -12.90
N MET B 255 -13.58 -21.36 -12.24
CA MET B 255 -14.21 -21.43 -10.93
C MET B 255 -15.50 -22.25 -10.96
N SER B 256 -15.68 -23.13 -9.96
CA SER B 256 -16.87 -23.98 -9.85
C SER B 256 -18.08 -23.18 -9.38
N THR B 257 -19.28 -23.65 -9.74
CA THR B 257 -20.55 -23.03 -9.34
C THR B 257 -20.67 -23.01 -7.82
N ASP B 258 -20.10 -24.03 -7.14
CA ASP B 258 -20.09 -24.18 -5.67
C ASP B 258 -19.25 -23.10 -5.03
N CYS B 259 -18.03 -22.88 -5.55
CA CYS B 259 -17.12 -21.87 -5.05
C CYS B 259 -17.74 -20.50 -5.19
N GLU B 260 -18.21 -20.16 -6.41
CA GLU B 260 -18.84 -18.89 -6.70
C GLU B 260 -20.06 -18.63 -5.81
N ASN B 261 -20.74 -19.71 -5.39
CA ASN B 261 -21.90 -19.62 -4.51
C ASN B 261 -21.46 -19.27 -3.11
N LEU B 262 -20.30 -19.77 -2.70
CA LEU B 262 -19.73 -19.51 -1.39
C LEU B 262 -19.26 -18.04 -1.29
N LEU B 263 -18.78 -17.45 -2.42
CA LEU B 263 -18.35 -16.05 -2.51
C LEU B 263 -19.57 -15.17 -2.31
N LYS B 264 -20.72 -15.61 -2.82
CA LYS B 264 -21.99 -14.91 -2.68
C LYS B 264 -22.40 -14.87 -1.21
N LYS B 265 -21.99 -15.87 -0.39
CA LYS B 265 -22.32 -15.95 1.04
C LYS B 265 -21.50 -14.96 1.85
N PHE B 266 -20.34 -14.55 1.31
CA PHE B 266 -19.42 -13.62 1.96
C PHE B 266 -19.56 -12.19 1.47
N LEU B 267 -19.37 -11.97 0.17
CA LEU B 267 -19.39 -10.65 -0.46
C LEU B 267 -20.82 -10.11 -0.73
N ILE B 268 -21.53 -9.79 0.38
CA ILE B 268 -22.88 -9.22 0.40
C ILE B 268 -22.74 -7.73 0.80
N LEU B 269 -23.33 -6.81 0.02
CA LEU B 269 -23.26 -5.37 0.26
C LEU B 269 -23.82 -4.92 1.62
N ASN B 270 -25.10 -5.22 1.96
CA ASN B 270 -25.63 -4.81 3.26
C ASN B 270 -25.04 -5.70 4.37
N PRO B 271 -24.32 -5.10 5.37
CA PRO B 271 -23.66 -5.91 6.42
C PRO B 271 -24.55 -6.87 7.19
N SER B 272 -25.79 -6.45 7.40
CA SER B 272 -26.84 -7.17 8.11
C SER B 272 -27.21 -8.41 7.31
N LYS B 273 -27.32 -8.24 5.97
CA LYS B 273 -27.67 -9.28 5.00
C LYS B 273 -26.55 -10.33 4.83
N ARG B 274 -25.36 -10.14 5.47
CA ARG B 274 -24.25 -11.09 5.38
C ARG B 274 -24.43 -12.19 6.41
N GLY B 275 -24.18 -13.43 5.96
CA GLY B 275 -24.29 -14.62 6.79
C GLY B 275 -23.27 -14.68 7.91
N THR B 276 -23.63 -15.35 9.04
CA THR B 276 -22.72 -15.52 10.19
C THR B 276 -21.71 -16.59 9.80
N LEU B 277 -20.47 -16.49 10.31
CA LEU B 277 -19.44 -17.48 9.98
C LEU B 277 -19.82 -18.91 10.33
N GLU B 278 -20.70 -19.11 11.33
CA GLU B 278 -21.18 -20.41 11.77
C GLU B 278 -22.12 -21.03 10.72
N GLN B 279 -22.89 -20.18 10.06
CA GLN B 279 -23.82 -20.60 9.01
C GLN B 279 -23.05 -20.95 7.74
N ILE B 280 -22.06 -20.12 7.38
CA ILE B 280 -21.23 -20.28 6.17
C ILE B 280 -20.37 -21.54 6.27
N MET B 281 -20.13 -22.00 7.51
CA MET B 281 -19.34 -23.19 7.80
C MET B 281 -19.98 -24.44 7.22
N LYS B 282 -21.34 -24.48 7.22
CA LYS B 282 -22.19 -25.57 6.71
C LYS B 282 -22.26 -25.65 5.16
N ASP B 283 -21.68 -24.65 4.44
CA ASP B 283 -21.67 -24.56 2.97
C ASP B 283 -21.16 -25.83 2.29
N ARG B 284 -21.74 -26.20 1.14
CA ARG B 284 -21.36 -27.38 0.38
C ARG B 284 -19.90 -27.32 -0.09
N TRP B 285 -19.43 -26.17 -0.65
CA TRP B 285 -18.04 -26.05 -1.11
C TRP B 285 -17.08 -26.31 0.02
N MET B 286 -17.35 -25.75 1.21
CA MET B 286 -16.51 -25.89 2.41
C MET B 286 -16.25 -27.34 2.80
N ASN B 287 -17.28 -28.21 2.66
CA ASN B 287 -17.23 -29.62 3.08
C ASN B 287 -17.03 -30.68 1.99
N VAL B 288 -16.52 -30.31 0.80
CA VAL B 288 -16.25 -31.31 -0.24
C VAL B 288 -15.01 -32.11 0.22
N GLY B 289 -15.21 -33.39 0.49
CA GLY B 289 -14.14 -34.26 0.98
C GLY B 289 -14.22 -34.44 2.49
N HIS B 290 -15.07 -33.64 3.14
CA HIS B 290 -15.29 -33.65 4.59
C HIS B 290 -16.79 -33.82 4.83
N GLU B 291 -17.30 -35.00 4.44
CA GLU B 291 -18.71 -35.32 4.54
C GLU B 291 -19.11 -35.87 5.91
N ASP B 292 -18.14 -36.25 6.78
CA ASP B 292 -18.45 -36.74 8.13
C ASP B 292 -17.99 -35.73 9.19
N ASP B 293 -16.90 -34.97 8.90
CA ASP B 293 -16.39 -33.96 9.81
C ASP B 293 -16.71 -32.54 9.29
N GLU B 294 -18.01 -32.25 9.18
CA GLU B 294 -18.54 -30.96 8.75
C GLU B 294 -17.81 -29.86 9.55
N LEU B 295 -17.48 -28.72 8.92
CA LEU B 295 -16.76 -27.66 9.63
C LEU B 295 -17.67 -27.07 10.71
N LYS B 296 -17.31 -27.30 11.99
CA LYS B 296 -18.03 -26.88 13.18
C LYS B 296 -17.21 -25.84 13.94
N PRO B 297 -17.83 -24.88 14.70
CA PRO B 297 -17.04 -23.90 15.45
C PRO B 297 -15.96 -24.57 16.30
N TYR B 298 -14.76 -23.98 16.35
CA TYR B 298 -13.67 -24.57 17.11
C TYR B 298 -14.03 -24.73 18.57
N VAL B 299 -13.90 -25.96 19.07
CA VAL B 299 -14.16 -26.22 20.47
C VAL B 299 -12.79 -26.28 21.14
N GLU B 300 -12.47 -25.23 21.89
CA GLU B 300 -11.21 -25.03 22.61
C GLU B 300 -10.83 -26.23 23.50
N PRO B 301 -9.53 -26.64 23.56
CA PRO B 301 -9.18 -27.76 24.45
C PRO B 301 -9.03 -27.31 25.90
N LEU B 302 -9.25 -28.23 26.81
CA LEU B 302 -9.15 -27.96 28.22
C LEU B 302 -7.66 -27.88 28.66
N PRO B 303 -7.38 -27.08 29.71
CA PRO B 303 -5.99 -26.90 30.15
C PRO B 303 -5.36 -28.09 30.85
N ASP B 304 -4.08 -28.35 30.53
CA ASP B 304 -3.29 -29.43 31.11
C ASP B 304 -2.07 -28.76 31.71
N TYR B 305 -2.22 -28.20 32.94
CA TYR B 305 -1.14 -27.51 33.63
C TYR B 305 -0.32 -28.50 34.49
N LYS B 306 -0.71 -29.80 34.44
CA LYS B 306 -0.07 -30.86 35.24
C LYS B 306 0.46 -32.06 34.44
N ASP B 307 1.06 -31.81 33.26
CA ASP B 307 1.64 -32.87 32.42
C ASP B 307 2.87 -33.47 33.12
N PRO B 308 2.86 -34.77 33.50
CA PRO B 308 4.02 -35.36 34.18
C PRO B 308 5.30 -35.44 33.37
N ARG B 309 5.22 -35.50 32.02
CA ARG B 309 6.41 -35.57 31.19
C ARG B 309 7.16 -34.23 31.28
N ARG B 310 6.47 -33.15 30.84
CA ARG B 310 6.95 -31.77 30.81
C ARG B 310 7.32 -31.24 32.18
N THR B 311 6.63 -31.66 33.25
CA THR B 311 6.91 -31.21 34.61
C THR B 311 8.27 -31.68 35.11
N GLU B 312 8.61 -32.95 34.84
CA GLU B 312 9.88 -33.51 35.30
C GLU B 312 11.08 -33.04 34.49
N LEU B 313 10.87 -32.74 33.19
CA LEU B 313 11.94 -32.25 32.32
C LEU B 313 12.33 -30.84 32.78
N MET B 314 11.32 -30.08 33.24
CA MET B 314 11.42 -28.72 33.76
C MET B 314 11.96 -28.74 35.18
N VAL B 315 11.51 -29.71 36.02
CA VAL B 315 11.94 -29.89 37.40
C VAL B 315 13.46 -30.13 37.39
N SER B 316 13.92 -30.91 36.39
CA SER B 316 15.32 -31.22 36.14
C SER B 316 16.03 -29.93 35.71
N MET B 317 15.35 -29.05 34.93
CA MET B 317 15.87 -27.76 34.44
C MET B 317 16.08 -26.73 35.58
N GLY B 318 15.69 -27.09 36.79
CA GLY B 318 15.82 -26.24 37.97
C GLY B 318 14.54 -25.59 38.46
N TYR B 319 13.47 -25.63 37.64
CA TYR B 319 12.17 -25.03 38.00
C TYR B 319 11.48 -25.85 39.09
N THR B 320 10.72 -25.20 39.97
CA THR B 320 9.99 -25.91 41.03
C THR B 320 8.60 -26.26 40.51
N ARG B 321 8.06 -27.46 40.88
CA ARG B 321 6.72 -27.89 40.49
C ARG B 321 5.68 -26.85 40.92
N GLU B 322 6.00 -26.11 42.01
CA GLU B 322 5.26 -25.04 42.65
C GLU B 322 5.16 -23.83 41.70
N GLU B 323 6.32 -23.32 41.19
CA GLU B 323 6.36 -22.17 40.28
C GLU B 323 5.75 -22.50 38.92
N ILE B 324 5.87 -23.77 38.49
CA ILE B 324 5.31 -24.27 37.24
C ILE B 324 3.79 -24.06 37.30
N GLN B 325 3.17 -24.55 38.39
CA GLN B 325 1.74 -24.47 38.66
C GLN B 325 1.24 -23.05 38.68
N ASP B 326 1.86 -22.19 39.50
CA ASP B 326 1.47 -20.78 39.66
C ASP B 326 1.53 -19.96 38.34
N SER B 327 2.59 -20.18 37.53
CA SER B 327 2.78 -19.49 36.24
C SER B 327 1.69 -19.86 35.21
N LEU B 328 1.32 -21.15 35.18
CA LEU B 328 0.32 -21.69 34.26
C LEU B 328 -1.07 -21.24 34.58
N VAL B 329 -1.49 -21.40 35.85
CA VAL B 329 -2.82 -21.01 36.35
C VAL B 329 -2.97 -19.48 36.25
N GLY B 330 -1.90 -18.77 36.61
CA GLY B 330 -1.84 -17.33 36.56
C GLY B 330 -1.70 -16.79 35.15
N GLN B 331 -1.45 -17.70 34.14
CA GLN B 331 -1.30 -17.39 32.70
C GLN B 331 -0.42 -16.14 32.55
N ARG B 332 0.76 -16.24 33.18
CA ARG B 332 1.75 -15.17 33.27
C ARG B 332 2.54 -14.93 31.98
N TYR B 333 2.75 -15.98 31.16
CA TYR B 333 3.53 -15.95 29.93
C TYR B 333 4.95 -15.47 30.29
N ASN B 334 5.50 -16.08 31.34
CA ASN B 334 6.84 -15.81 31.85
C ASN B 334 7.77 -16.87 31.28
N GLU B 335 9.04 -16.90 31.74
CA GLU B 335 9.98 -17.89 31.23
C GLU B 335 9.58 -19.32 31.58
N VAL B 336 8.87 -19.51 32.72
CA VAL B 336 8.39 -20.81 33.19
C VAL B 336 7.27 -21.32 32.26
N MET B 337 6.24 -20.47 31.98
CA MET B 337 5.13 -20.82 31.09
C MET B 337 5.62 -21.12 29.68
N ALA B 338 6.47 -20.24 29.11
CA ALA B 338 7.06 -20.39 27.79
C ALA B 338 7.83 -21.72 27.69
N THR B 339 8.58 -22.07 28.76
CA THR B 339 9.34 -23.34 28.79
C THR B 339 8.37 -24.54 28.76
N TYR B 340 7.19 -24.41 29.38
CA TYR B 340 6.18 -25.47 29.42
C TYR B 340 5.48 -25.61 28.07
N LEU B 341 4.95 -24.49 27.50
CA LEU B 341 4.24 -24.44 26.21
C LEU B 341 5.09 -25.01 25.07
N LEU B 342 6.37 -24.61 25.05
CA LEU B 342 7.37 -25.03 24.08
C LEU B 342 7.80 -26.48 24.26
N LEU B 343 7.58 -27.05 25.46
CA LEU B 343 7.95 -28.45 25.71
C LEU B 343 6.98 -29.42 25.05
N GLY B 344 5.77 -28.94 24.78
CA GLY B 344 4.70 -29.72 24.19
C GLY B 344 4.78 -29.76 22.69
N TYR B 345 5.93 -30.26 22.16
CA TYR B 345 6.27 -30.42 20.74
C TYR B 345 7.17 -31.66 20.48
C2 6Z5 C . 12.45 8.47 -13.57
C7 6Z5 C . 15.25 7.65 -11.30
C9 6Z5 C . 14.66 6.27 -9.42
C10 6Z5 C . 13.33 6.40 -9.73
C11 6Z5 C . 12.96 7.16 -10.81
C13 6Z5 C . 8.55 6.86 -15.20
C15 6Z5 C . 9.35 7.65 -17.41
C18 6Z5 C . 10.46 4.51 -13.22
C20 6Z5 C . 9.89 5.13 -11.03
C21 6Z5 C . 9.06 5.84 -11.86
C22 6Z5 C . 9.84 5.36 -9.67
C 6Z5 C . 10.36 8.33 -15.21
C1 6Z5 C . 11.36 9.25 -15.42
N 6Z5 C . 12.41 9.33 -14.60
N3 6Z5 C . 11.53 7.54 -13.29
C4 6Z5 C . 10.49 7.50 -14.14
N5 6Z5 C . 13.57 8.58 -12.74
C6 6Z5 C . 13.91 7.78 -11.61
C8 6Z5 C . 15.63 6.90 -10.20
N12 6Z5 C . 9.38 6.65 -14.11
C14 6Z5 C . 9.09 8.04 -15.97
C16 6Z5 C . 8.13 9.20 -15.88
O 6Z5 C . 7.57 6.21 -15.50
C17 6Z5 C . 9.26 5.46 -13.27
C19 6Z5 C . 10.77 4.19 -11.76
C23 6Z5 C . 8.95 6.30 -9.18
C24 6Z5 C . 8.11 7.00 -10.02
C25 6Z5 C . 8.16 6.76 -11.38
O26 6Z5 C . 10.65 4.68 -8.79
C2 6Z5 D . 6.73 -15.58 10.58
C7 6Z5 D . 8.57 -16.54 7.53
C9 6Z5 D . 8.61 -14.89 5.82
C10 6Z5 D . 7.73 -14.11 6.55
C11 6Z5 D . 7.27 -14.56 7.77
C13 6Z5 D . 5.57 -12.11 13.25
C15 6Z5 D . 5.90 -13.74 15.09
C18 6Z5 D . 7.74 -11.05 10.49
C20 6Z5 D . 6.24 -11.24 8.69
C21 6Z5 D . 5.49 -11.30 9.84
C22 6Z5 D . 5.62 -11.31 7.46
C 6Z5 D . 5.69 -14.37 12.71
C1 6Z5 D . 5.70 -15.74 12.61
N 6Z5 D . 6.22 -16.36 11.55
N3 6Z5 D . 6.77 -14.25 10.59
C4 6Z5 D . 6.23 -13.67 11.67
N5 6Z5 D . 7.26 -16.30 9.50
C6 6Z5 D . 7.69 -15.77 8.27
C8 6Z5 D . 9.04 -16.10 6.31
N12 6Z5 D . 6.14 -12.30 11.99
C14 6Z5 D . 5.20 -13.47 13.79
C16 6Z5 D . 3.70 -13.62 13.92
O 6Z5 D . 5.40 -11.03 13.82
C17 6Z5 D . 6.33 -11.20 11.04
C19 6Z5 D . 7.69 -11.11 8.96
C23 6Z5 D . 4.24 -11.44 7.41
C24 6Z5 D . 3.48 -11.49 8.57
C25 6Z5 D . 4.12 -11.42 9.80
O26 6Z5 D . 6.37 -11.26 6.31
#